data_5CZY
#
_entry.id   5CZY
#
_cell.length_a   69.249
_cell.length_b   69.249
_cell.length_c   200.497
_cell.angle_alpha   90.00
_cell.angle_beta   90.00
_cell.angle_gamma   120.00
#
_symmetry.space_group_name_H-M   'P 31 2 1'
#
loop_
_entity.id
_entity.type
_entity.pdbx_description
1 polymer 'Legionella effector LegAS4'
2 non-polymer GLYCEROL
3 non-polymer S-ADENOSYLMETHIONINE
4 water water
#
_entity_poly.entity_id   1
_entity_poly.type   'polypeptide(L)'
_entity_poly.pdbx_seq_one_letter_code
;MTHLPGNIYTLFTPVNGPKSKDEWIDTSKIMLDLHIDNMSSSDYIPSAIDRTDLVMVQSVHLLRKTGGRGLFAREDIPKG
TCIGIYTGEVYSEQEFEQYLKEHVGSDKSYAMYVGGRVIDAARKGNLTRYINFSDSQDNAEFVETTLNRKKVAKVITTKN
IKAGQQLLINYNTYEEQASRYYYFLNPGDGWLSAQEFYQTYQSQYRLEQMPYNLEGFDLKAGDRVLMTQIGRIILANYSL
AKEQELNASDIDLPFLKVGSDEKILDFDEADTFTPLMAACYLGQVENVKWLIEHGANIDQQQSHSGHCPLSLTLKGYSLA
KDTQKYIDIIQLLIKNQVNLLVHDRSDKTFLHNAALVLNNLDFQSVVKFLIGQNPIDINEYFTYIDENDFDIVMHCYNNK
LFDKALVLLAFYPDYFKRNYMSDNEGHNQFNINAFRKAIKDFNSNERSILLMQLRESGLHLPEDLLEQLGIMDSSITLES
KFF
;
_entity_poly.pdbx_strand_id   A
#
# COMPACT_ATOMS: atom_id res chain seq x y z
N ASP A 22 34.23 2.47 -23.07
CA ASP A 22 32.86 2.56 -23.59
C ASP A 22 32.67 1.58 -24.75
N GLU A 23 33.74 1.43 -25.52
CA GLU A 23 33.88 0.34 -26.47
C GLU A 23 33.88 -0.99 -25.73
N TRP A 24 34.23 -0.97 -24.44
CA TRP A 24 34.32 -2.18 -23.61
C TRP A 24 33.00 -2.61 -22.92
N ILE A 25 31.95 -1.82 -23.14
CA ILE A 25 30.64 -2.07 -22.54
C ILE A 25 29.66 -2.66 -23.56
N ASP A 26 29.25 -3.90 -23.33
CA ASP A 26 28.34 -4.59 -24.23
C ASP A 26 26.95 -4.65 -23.59
N THR A 27 26.08 -3.71 -23.96
CA THR A 27 24.79 -3.58 -23.27
C THR A 27 23.82 -4.62 -23.80
N SER A 28 23.96 -4.97 -25.06
CA SER A 28 23.26 -6.11 -25.65
C SER A 28 23.32 -7.37 -24.76
N LYS A 29 24.50 -7.73 -24.25
CA LYS A 29 24.57 -8.91 -23.36
C LYS A 29 24.06 -8.61 -21.95
N ILE A 30 24.15 -7.34 -21.52
CA ILE A 30 23.49 -6.94 -20.28
C ILE A 30 21.98 -7.18 -20.37
N MET A 31 21.37 -6.73 -21.47
CA MET A 31 19.91 -6.89 -21.61
C MET A 31 19.53 -8.35 -21.73
N LEU A 32 20.31 -9.14 -22.46
CA LEU A 32 20.00 -10.57 -22.58
C LEU A 32 20.08 -11.24 -21.21
N ASP A 33 21.09 -10.89 -20.42
CA ASP A 33 21.21 -11.50 -19.11
C ASP A 33 20.09 -11.07 -18.15
N LEU A 34 19.59 -9.85 -18.31
CA LEU A 34 18.50 -9.37 -17.43
C LEU A 34 17.11 -9.84 -17.90
N HIS A 35 17.09 -10.45 -19.07
CA HIS A 35 15.86 -10.73 -19.81
C HIS A 35 15.09 -9.44 -20.09
N ILE A 36 15.79 -8.43 -20.58
CA ILE A 36 15.14 -7.23 -21.10
C ILE A 36 15.03 -7.37 -22.60
N ASP A 37 13.81 -7.38 -23.12
CA ASP A 37 13.62 -7.57 -24.55
C ASP A 37 12.98 -6.38 -25.23
N ASN A 38 12.77 -5.27 -24.53
CA ASN A 38 12.12 -4.13 -25.15
C ASN A 38 12.91 -2.83 -25.15
N MET A 39 14.23 -2.92 -25.10
CA MET A 39 15.07 -1.74 -25.22
C MET A 39 16.10 -1.95 -26.33
N SER A 40 16.42 -0.88 -27.06
CA SER A 40 17.59 -0.86 -27.96
C SER A 40 18.87 -0.83 -27.14
N SER A 41 19.92 -1.50 -27.61
CA SER A 41 21.17 -1.56 -26.85
C SER A 41 21.76 -0.18 -26.60
N SER A 42 21.51 0.76 -27.51
CA SER A 42 22.00 2.12 -27.32
C SER A 42 21.13 2.96 -26.37
N ASP A 43 20.01 2.38 -25.91
CA ASP A 43 19.14 3.04 -24.95
C ASP A 43 19.39 2.51 -23.53
N TYR A 44 20.21 1.46 -23.41
CA TYR A 44 20.53 0.92 -22.09
C TYR A 44 21.72 1.64 -21.49
N ILE A 45 21.52 2.27 -20.33
CA ILE A 45 22.58 3.07 -19.70
C ILE A 45 22.96 2.50 -18.35
N PRO A 46 24.06 1.73 -18.30
CA PRO A 46 24.48 1.10 -17.04
C PRO A 46 25.20 2.05 -16.09
N SER A 47 25.14 1.80 -14.79
CA SER A 47 26.06 2.43 -13.84
C SER A 47 27.02 1.37 -13.30
N ALA A 48 28.11 1.79 -12.68
CA ALA A 48 29.12 0.82 -12.25
C ALA A 48 28.66 -0.01 -11.05
N ILE A 49 27.60 0.42 -10.36
CA ILE A 49 27.20 -0.36 -9.22
C ILE A 49 25.91 -1.15 -9.42
N ASP A 50 25.43 -1.25 -10.67
CA ASP A 50 24.28 -2.08 -10.98
C ASP A 50 24.63 -3.52 -10.64
N ARG A 51 23.73 -4.23 -9.98
CA ARG A 51 23.93 -5.64 -9.67
C ARG A 51 23.01 -6.54 -10.50
N THR A 52 23.33 -6.71 -11.78
CA THR A 52 22.48 -7.52 -12.64
C THR A 52 22.42 -8.97 -12.14
N ASP A 53 23.48 -9.43 -11.46
CA ASP A 53 23.50 -10.79 -10.92
C ASP A 53 22.36 -11.09 -9.92
N LEU A 54 21.85 -10.06 -9.25
CA LEU A 54 20.82 -10.23 -8.24
C LEU A 54 19.38 -10.15 -8.74
N VAL A 55 19.19 -9.63 -9.95
CA VAL A 55 17.83 -9.27 -10.34
C VAL A 55 17.52 -9.60 -11.80
N MET A 56 16.24 -9.56 -12.13
CA MET A 56 15.80 -9.84 -13.49
C MET A 56 14.48 -9.15 -13.81
N VAL A 57 14.30 -8.87 -15.09
CA VAL A 57 13.08 -8.27 -15.58
C VAL A 57 12.18 -9.37 -16.13
N GLN A 58 10.92 -9.32 -15.73
CA GLN A 58 9.88 -10.23 -16.20
C GLN A 58 8.59 -9.49 -16.41
N SER A 59 7.66 -10.08 -17.14
CA SER A 59 6.31 -9.55 -17.23
C SER A 59 5.61 -9.65 -15.91
N VAL A 60 4.75 -8.68 -15.62
CA VAL A 60 3.90 -8.78 -14.46
C VAL A 60 2.56 -9.13 -15.02
N HIS A 61 2.04 -10.29 -14.62
CA HIS A 61 0.90 -10.80 -15.32
C HIS A 61 -0.31 -9.89 -15.13
N LEU A 62 -0.50 -9.38 -13.91
CA LEU A 62 -1.49 -8.35 -13.64
C LEU A 62 -1.46 -7.24 -14.69
N LEU A 63 -0.28 -6.88 -15.17
CA LEU A 63 -0.17 -5.75 -16.11
C LEU A 63 -0.20 -6.18 -17.59
N ARG A 64 -0.52 -7.43 -17.88
CA ARG A 64 -0.43 -7.93 -19.25
C ARG A 64 -1.20 -7.11 -20.30
N LYS A 65 -2.29 -6.45 -19.90
CA LYS A 65 -3.10 -5.71 -20.88
C LYS A 65 -2.32 -4.53 -21.43
N THR A 66 -1.32 -4.04 -20.70
CA THR A 66 -0.48 -2.93 -21.16
C THR A 66 0.94 -3.42 -21.35
N GLY A 67 1.13 -4.75 -21.34
CA GLY A 67 2.44 -5.34 -21.48
C GLY A 67 3.49 -4.88 -20.47
N GLY A 68 3.05 -4.52 -19.26
CA GLY A 68 3.96 -4.02 -18.24
C GLY A 68 4.92 -5.07 -17.67
N ARG A 69 6.13 -4.63 -17.38
CA ARG A 69 7.14 -5.47 -16.80
C ARG A 69 7.42 -5.03 -15.37
N GLY A 70 8.29 -5.77 -14.68
CA GLY A 70 8.67 -5.46 -13.31
C GLY A 70 10.08 -5.98 -13.05
N LEU A 71 10.74 -5.49 -12.00
CA LEU A 71 12.05 -6.01 -11.63
C LEU A 71 11.87 -7.08 -10.53
N PHE A 72 12.53 -8.22 -10.71
CA PHE A 72 12.39 -9.32 -9.77
C PHE A 72 13.76 -9.79 -9.26
N ALA A 73 13.77 -10.34 -8.05
CA ALA A 73 14.97 -10.98 -7.47
C ALA A 73 15.29 -12.37 -8.07
N ARG A 74 16.52 -12.59 -8.52
CA ARG A 74 16.96 -13.90 -8.99
C ARG A 74 17.39 -14.83 -7.85
N GLU A 75 17.67 -14.24 -6.69
CA GLU A 75 18.09 -15.00 -5.54
C GLU A 75 17.68 -14.17 -4.35
N ASP A 76 17.96 -14.67 -3.15
CA ASP A 76 17.66 -13.90 -1.95
C ASP A 76 18.56 -12.68 -1.85
N ILE A 77 17.95 -11.58 -1.44
CA ILE A 77 18.68 -10.34 -1.31
C ILE A 77 18.48 -9.82 0.11
N PRO A 78 19.60 -9.62 0.82
CA PRO A 78 19.55 -9.11 2.20
C PRO A 78 19.06 -7.67 2.20
N LYS A 79 18.33 -7.30 3.25
CA LYS A 79 17.98 -5.92 3.50
C LYS A 79 19.20 -4.99 3.40
N GLY A 80 19.02 -3.80 2.83
CA GLY A 80 20.10 -2.82 2.71
C GLY A 80 21.04 -3.04 1.53
N THR A 81 20.66 -3.87 0.57
CA THR A 81 21.54 -4.10 -0.56
C THR A 81 21.30 -3.05 -1.68
N CYS A 82 22.39 -2.49 -2.19
CA CYS A 82 22.32 -1.56 -3.29
C CYS A 82 22.13 -2.32 -4.61
N ILE A 83 21.05 -1.96 -5.33
CA ILE A 83 20.68 -2.66 -6.55
C ILE A 83 21.28 -1.99 -7.80
N GLY A 84 21.40 -0.67 -7.75
CA GLY A 84 21.92 0.11 -8.87
C GLY A 84 21.57 1.59 -8.75
N ILE A 85 21.93 2.34 -9.79
CA ILE A 85 21.65 3.78 -9.88
C ILE A 85 20.48 3.99 -10.84
N TYR A 86 19.63 4.97 -10.56
CA TYR A 86 18.53 5.26 -11.48
C TYR A 86 19.05 6.14 -12.58
N THR A 87 19.41 5.53 -13.69
CA THR A 87 20.00 6.27 -14.80
C THR A 87 18.91 6.74 -15.79
N GLY A 88 19.27 7.61 -16.72
CA GLY A 88 18.31 8.07 -17.72
C GLY A 88 18.85 9.29 -18.44
N GLU A 89 18.03 9.93 -19.26
CA GLU A 89 18.44 11.18 -19.89
C GLU A 89 18.39 12.31 -18.86
N VAL A 90 19.30 13.26 -18.98
CA VAL A 90 19.46 14.31 -17.99
C VAL A 90 18.95 15.65 -18.51
N TYR A 91 18.10 16.31 -17.74
CA TYR A 91 17.59 17.61 -18.13
C TYR A 91 17.68 18.57 -16.96
N SER A 92 17.80 19.86 -17.27
CA SER A 92 17.51 20.87 -16.24
C SER A 92 16.00 20.88 -16.08
N GLU A 93 15.51 21.50 -15.01
CA GLU A 93 14.07 21.61 -14.80
C GLU A 93 13.37 22.40 -15.93
N GLN A 94 14.03 23.42 -16.45
CA GLN A 94 13.50 24.21 -17.56
C GLN A 94 13.50 23.43 -18.87
N GLU A 95 14.61 22.74 -19.15
CA GLU A 95 14.72 21.90 -20.33
C GLU A 95 13.66 20.80 -20.29
N PHE A 96 13.42 20.23 -19.10
CA PHE A 96 12.45 19.12 -19.04
C PHE A 96 11.00 19.63 -19.20
N GLU A 97 10.67 20.73 -18.53
CA GLU A 97 9.36 21.38 -18.74
C GLU A 97 9.10 21.72 -20.20
N GLN A 98 10.13 22.18 -20.92
CA GLN A 98 10.02 22.43 -22.35
C GLN A 98 9.95 21.14 -23.15
N TYR A 99 10.66 20.10 -22.69
CA TYR A 99 10.54 18.78 -23.31
C TYR A 99 9.08 18.28 -23.32
N LEU A 100 8.41 18.40 -22.18
CA LEU A 100 7.05 17.88 -22.03
C LEU A 100 6.10 18.63 -22.98
N LYS A 101 6.32 19.94 -23.09
CA LYS A 101 5.51 20.81 -23.93
C LYS A 101 5.63 20.41 -25.40
N GLU A 102 6.82 20.08 -25.85
CA GLU A 102 7.07 19.84 -27.27
C GLU A 102 6.94 18.37 -27.71
N HIS A 103 6.71 17.46 -26.74
CA HIS A 103 6.57 16.06 -27.10
C HIS A 103 5.20 15.60 -26.67
N VAL A 104 4.32 15.44 -27.66
CA VAL A 104 2.95 15.09 -27.40
C VAL A 104 2.90 13.68 -26.83
N GLY A 105 2.32 13.55 -25.65
CA GLY A 105 2.20 12.24 -25.01
C GLY A 105 3.27 11.94 -23.98
N SER A 106 4.18 12.89 -23.76
CA SER A 106 5.20 12.77 -22.74
C SER A 106 4.64 12.98 -21.35
N ASP A 107 5.27 12.36 -20.35
CA ASP A 107 4.85 12.58 -18.97
C ASP A 107 6.01 12.36 -17.99
N LYS A 108 5.70 12.36 -16.71
CA LYS A 108 6.70 12.25 -15.65
C LYS A 108 6.74 10.84 -15.05
N SER A 109 6.13 9.88 -15.78
CA SER A 109 6.12 8.45 -15.44
C SER A 109 7.45 7.85 -15.01
N TYR A 110 8.50 8.23 -15.71
CA TYR A 110 9.82 7.68 -15.48
C TYR A 110 10.79 8.80 -15.09
N ALA A 111 10.23 9.97 -14.79
CA ALA A 111 11.06 11.15 -14.51
C ALA A 111 11.26 11.30 -13.01
N MET A 112 12.51 11.50 -12.62
CA MET A 112 12.87 11.74 -11.23
C MET A 112 13.52 13.13 -11.06
N TYR A 113 12.94 13.92 -10.18
CA TYR A 113 13.51 15.22 -9.82
C TYR A 113 14.49 15.02 -8.68
N VAL A 114 15.78 15.17 -8.96
CA VAL A 114 16.80 14.97 -7.93
C VAL A 114 18.03 15.87 -8.20
N GLY A 115 18.57 16.45 -7.12
CA GLY A 115 19.78 17.26 -7.17
C GLY A 115 19.66 18.48 -8.08
N GLY A 116 18.45 19.01 -8.23
CA GLY A 116 18.26 20.19 -9.05
C GLY A 116 18.12 19.88 -10.53
N ARG A 117 18.18 18.60 -10.89
CA ARG A 117 17.96 18.18 -12.28
C ARG A 117 16.76 17.23 -12.38
N VAL A 118 16.42 16.85 -13.61
CA VAL A 118 15.47 15.79 -13.88
C VAL A 118 16.20 14.63 -14.57
N ILE A 119 16.07 13.44 -14.01
CA ILE A 119 16.51 12.21 -14.67
C ILE A 119 15.29 11.45 -15.24
N ASP A 120 15.21 11.32 -16.55
CA ASP A 120 14.05 10.70 -17.17
C ASP A 120 14.45 9.40 -17.85
N ALA A 121 13.80 8.30 -17.46
CA ALA A 121 14.12 6.98 -18.01
C ALA A 121 12.98 6.43 -18.89
N ALA A 122 12.21 7.32 -19.49
CA ALA A 122 11.08 6.89 -20.31
C ALA A 122 11.59 6.22 -21.58
N ARG A 123 12.74 6.66 -22.07
CA ARG A 123 13.33 6.09 -23.30
C ARG A 123 14.64 5.36 -23.00
N LYS A 124 15.47 5.95 -22.15
CA LYS A 124 16.80 5.41 -21.84
C LYS A 124 16.97 5.24 -20.35
N GLY A 125 17.65 4.17 -19.93
CA GLY A 125 18.00 4.02 -18.53
C GLY A 125 18.46 2.59 -18.33
N ASN A 126 18.36 2.07 -17.11
CA ASN A 126 18.89 0.71 -16.82
C ASN A 126 17.84 -0.11 -16.13
N LEU A 127 18.30 -1.18 -15.46
CA LEU A 127 17.36 -2.11 -14.85
C LEU A 127 16.41 -1.44 -13.84
N THR A 128 16.78 -0.29 -13.29
CA THR A 128 15.98 0.30 -12.24
C THR A 128 14.71 0.93 -12.80
N ARG A 129 14.68 1.18 -14.12
CA ARG A 129 13.45 1.75 -14.72
C ARG A 129 12.29 0.75 -14.72
N TYR A 130 12.54 -0.50 -14.36
CA TYR A 130 11.47 -1.50 -14.39
C TYR A 130 10.80 -1.71 -13.04
N ILE A 131 11.25 -1.03 -12.00
CA ILE A 131 10.66 -1.24 -10.67
C ILE A 131 9.32 -0.50 -10.52
N ASN A 132 8.28 -1.25 -10.17
CA ASN A 132 6.93 -0.70 -10.04
C ASN A 132 6.66 -0.09 -8.66
N PHE A 133 5.47 0.47 -8.53
CA PHE A 133 5.10 1.32 -7.40
C PHE A 133 4.31 0.62 -6.27
N SER A 134 4.69 0.88 -5.03
CA SER A 134 3.78 0.65 -3.91
C SER A 134 4.10 1.58 -2.75
N ASP A 135 3.08 2.04 -2.04
CA ASP A 135 3.34 2.89 -0.88
C ASP A 135 2.92 2.19 0.43
N SER A 136 2.66 0.89 0.36
CA SER A 136 2.37 0.14 1.57
C SER A 136 3.11 -1.18 1.60
N GLN A 137 3.62 -1.63 0.46
CA GLN A 137 4.40 -2.87 0.40
C GLN A 137 5.73 -2.74 -0.34
N ASP A 138 6.20 -1.49 -0.45
CA ASP A 138 7.50 -1.22 -1.04
C ASP A 138 8.61 -1.93 -0.25
N ASN A 139 9.57 -2.49 -0.97
CA ASN A 139 10.66 -3.19 -0.31
C ASN A 139 12.03 -2.65 -0.76
N ALA A 140 12.00 -1.47 -1.37
CA ALA A 140 13.23 -0.75 -1.73
C ALA A 140 12.97 0.74 -1.71
N GLU A 141 14.03 1.55 -1.84
CA GLU A 141 13.82 2.97 -1.81
C GLU A 141 14.91 3.66 -2.61
N PHE A 142 14.59 4.88 -3.05
CA PHE A 142 15.57 5.74 -3.66
C PHE A 142 16.33 6.47 -2.57
N VAL A 143 17.65 6.37 -2.61
CA VAL A 143 18.54 7.10 -1.71
C VAL A 143 19.51 7.94 -2.49
N GLU A 144 19.63 9.19 -2.07
CA GLU A 144 20.49 10.15 -2.74
C GLU A 144 21.96 9.73 -2.64
N THR A 145 22.67 9.80 -3.75
CA THR A 145 24.10 9.47 -3.75
C THR A 145 24.87 10.37 -4.73
N THR A 146 26.17 10.38 -4.60
CA THR A 146 27.02 11.22 -5.44
C THR A 146 27.61 10.41 -6.56
N LEU A 147 27.62 11.00 -7.75
CA LEU A 147 28.17 10.36 -8.93
C LEU A 147 28.88 11.41 -9.80
N ASN A 148 30.21 11.37 -9.79
CA ASN A 148 31.04 12.35 -10.48
C ASN A 148 30.60 13.78 -10.16
N ARG A 149 30.67 14.11 -8.87
CA ARG A 149 30.40 15.45 -8.32
C ARG A 149 28.94 15.92 -8.42
N LYS A 150 28.05 15.08 -8.96
CA LYS A 150 26.64 15.46 -9.05
C LYS A 150 25.73 14.46 -8.33
N LYS A 151 24.50 14.90 -8.06
CA LYS A 151 23.59 14.16 -7.19
C LYS A 151 22.58 13.29 -7.98
N VAL A 152 22.60 11.98 -7.73
CA VAL A 152 21.61 11.07 -8.31
C VAL A 152 20.95 10.19 -7.26
N ALA A 153 20.12 9.24 -7.68
CA ALA A 153 19.54 8.30 -6.72
C ALA A 153 20.04 6.87 -6.89
N LYS A 154 20.29 6.23 -5.76
CA LYS A 154 20.55 4.81 -5.65
C LYS A 154 19.27 4.09 -5.26
N VAL A 155 19.14 2.83 -5.66
CA VAL A 155 18.08 1.95 -5.15
C VAL A 155 18.66 1.01 -4.08
N ILE A 156 18.16 1.11 -2.85
CA ILE A 156 18.58 0.20 -1.76
C ILE A 156 17.40 -0.63 -1.27
N THR A 157 17.58 -1.93 -1.09
CA THR A 157 16.48 -2.73 -0.57
C THR A 157 16.26 -2.33 0.90
N THR A 158 14.99 -2.24 1.31
CA THR A 158 14.62 -1.82 2.67
C THR A 158 14.16 -3.01 3.55
N LYS A 159 14.19 -4.21 2.98
CA LYS A 159 13.87 -5.41 3.70
C LYS A 159 14.38 -6.61 2.89
N ASN A 160 14.43 -7.77 3.54
CA ASN A 160 14.91 -8.98 2.90
C ASN A 160 13.97 -9.40 1.75
N ILE A 161 14.54 -9.82 0.63
CA ILE A 161 13.75 -10.18 -0.54
C ILE A 161 14.04 -11.62 -0.92
N LYS A 162 13.00 -12.45 -0.97
CA LYS A 162 13.14 -13.84 -1.42
C LYS A 162 13.25 -13.87 -2.94
N ALA A 163 14.00 -14.83 -3.45
CA ALA A 163 14.08 -15.08 -4.88
C ALA A 163 12.70 -15.20 -5.50
N GLY A 164 12.50 -14.53 -6.65
CA GLY A 164 11.22 -14.58 -7.34
C GLY A 164 10.20 -13.57 -6.85
N GLN A 165 10.49 -12.89 -5.74
CA GLN A 165 9.64 -11.78 -5.33
C GLN A 165 9.92 -10.50 -6.17
N GLN A 166 8.89 -9.64 -6.29
CA GLN A 166 9.00 -8.42 -7.10
C GLN A 166 9.53 -7.24 -6.26
N LEU A 167 10.47 -6.48 -6.82
CA LEU A 167 10.92 -5.24 -6.18
C LEU A 167 9.87 -4.15 -6.35
N LEU A 168 9.53 -3.49 -5.26
CA LEU A 168 8.51 -2.44 -5.26
C LEU A 168 9.08 -1.18 -4.61
N ILE A 169 8.62 -0.01 -5.07
CA ILE A 169 9.23 1.21 -4.59
C ILE A 169 8.21 2.35 -4.47
N ASN A 170 8.44 3.23 -3.50
CA ASN A 170 7.55 4.37 -3.24
C ASN A 170 8.20 5.66 -3.75
N TYR A 171 7.47 6.40 -4.58
CA TYR A 171 7.95 7.67 -5.14
C TYR A 171 6.78 8.56 -5.52
N ASN A 172 7.07 9.81 -5.85
CA ASN A 172 6.06 10.79 -6.23
C ASN A 172 5.49 10.50 -7.62
N THR A 173 4.23 10.06 -7.65
CA THR A 173 3.60 9.65 -8.92
C THR A 173 2.94 10.82 -9.68
N TYR A 174 3.21 12.05 -9.24
CA TYR A 174 2.70 13.28 -9.85
C TYR A 174 1.23 13.25 -10.29
N GLU A 175 0.98 13.24 -11.59
CA GLU A 175 -0.36 13.39 -12.15
C GLU A 175 -1.05 12.07 -12.50
N GLU A 176 -0.38 10.96 -12.21
CA GLU A 176 -0.87 9.65 -12.63
C GLU A 176 -2.06 9.15 -11.84
N GLN A 177 -2.35 9.80 -10.72
CA GLN A 177 -3.46 9.43 -9.85
C GLN A 177 -3.42 7.93 -9.54
N ALA A 178 -2.25 7.52 -9.04
CA ALA A 178 -1.94 6.15 -8.66
C ALA A 178 -3.02 5.52 -7.76
N SER A 179 -3.42 6.23 -6.71
CA SER A 179 -4.45 5.74 -5.78
C SER A 179 -5.75 5.38 -6.51
N ARG A 180 -6.10 6.14 -7.55
CA ARG A 180 -7.31 5.86 -8.32
C ARG A 180 -7.15 4.75 -9.38
N TYR A 181 -5.97 4.61 -9.99
CA TYR A 181 -5.85 3.83 -11.23
C TYR A 181 -4.85 2.69 -11.23
N TYR A 182 -3.90 2.68 -10.30
CA TYR A 182 -2.92 1.60 -10.25
C TYR A 182 -3.50 0.32 -9.64
N TYR A 183 -2.82 -0.80 -9.88
CA TYR A 183 -3.04 -1.99 -9.08
C TYR A 183 -2.34 -1.83 -7.74
N PHE A 184 -2.92 -2.46 -6.72
CA PHE A 184 -2.23 -2.61 -5.45
C PHE A 184 -1.33 -3.82 -5.56
N LEU A 185 -0.09 -3.59 -5.94
CA LEU A 185 0.86 -4.68 -6.15
C LEU A 185 1.41 -5.25 -4.84
N ASN A 186 1.65 -6.57 -4.86
CA ASN A 186 2.25 -7.34 -3.76
C ASN A 186 3.60 -7.86 -4.22
N PRO A 187 4.52 -8.12 -3.29
CA PRO A 187 5.80 -8.69 -3.75
C PRO A 187 5.65 -10.09 -4.35
N GLY A 188 4.58 -10.81 -4.00
CA GLY A 188 4.32 -12.13 -4.58
C GLY A 188 3.54 -12.09 -5.89
N ASP A 189 3.36 -10.91 -6.49
CA ASP A 189 2.69 -10.79 -7.81
C ASP A 189 3.71 -11.03 -8.92
N GLY A 190 3.58 -12.15 -9.63
CA GLY A 190 4.62 -12.53 -10.58
C GLY A 190 4.26 -12.53 -12.06
N TRP A 191 5.02 -13.31 -12.83
CA TRP A 191 4.88 -13.41 -14.27
C TRP A 191 3.93 -14.53 -14.68
N LEU A 192 3.60 -15.42 -13.75
CA LEU A 192 2.68 -16.55 -14.02
C LEU A 192 1.21 -16.13 -14.07
N SER A 193 0.44 -16.76 -14.96
CA SER A 193 -1.03 -16.58 -14.98
C SER A 193 -1.63 -17.35 -13.81
N ALA A 194 -2.92 -17.14 -13.58
CA ALA A 194 -3.59 -17.81 -12.48
C ALA A 194 -3.63 -19.32 -12.76
N GLN A 195 -3.88 -19.65 -14.02
CA GLN A 195 -3.93 -21.01 -14.48
C GLN A 195 -2.55 -21.68 -14.29
N GLU A 196 -1.45 -21.02 -14.66
CA GLU A 196 -0.11 -21.58 -14.46
C GLU A 196 0.21 -21.65 -12.98
N PHE A 197 -0.33 -20.71 -12.21
CA PHE A 197 -0.10 -20.66 -10.77
C PHE A 197 -0.74 -21.87 -10.13
N TYR A 198 -1.97 -22.16 -10.56
CA TYR A 198 -2.71 -23.28 -10.01
C TYR A 198 -2.03 -24.62 -10.28
N GLN A 199 -1.43 -24.77 -11.47
CA GLN A 199 -0.95 -26.11 -11.83
C GLN A 199 0.36 -26.32 -11.09
N THR A 200 1.04 -25.21 -10.77
CA THR A 200 2.25 -25.26 -9.97
C THR A 200 1.95 -25.79 -8.57
N TYR A 201 0.82 -25.37 -7.99
CA TYR A 201 0.44 -25.85 -6.66
C TYR A 201 -0.77 -26.79 -6.72
N GLN A 202 -0.93 -27.45 -7.87
CA GLN A 202 -2.09 -28.29 -8.13
C GLN A 202 -2.45 -29.28 -7.00
N SER A 203 -1.44 -29.88 -6.37
CA SER A 203 -1.67 -30.91 -5.36
C SER A 203 -2.29 -30.37 -4.06
N GLN A 204 -2.18 -29.06 -3.86
CA GLN A 204 -2.69 -28.41 -2.64
C GLN A 204 -4.11 -27.91 -2.82
N TYR A 205 -4.56 -27.89 -4.07
CA TYR A 205 -5.85 -27.30 -4.40
C TYR A 205 -6.96 -28.31 -4.72
N ARG A 206 -8.20 -27.90 -4.45
CA ARG A 206 -9.38 -28.69 -4.76
C ARG A 206 -10.54 -27.77 -5.11
N LEU A 207 -11.26 -28.10 -6.17
CA LEU A 207 -12.41 -27.31 -6.58
C LEU A 207 -13.58 -27.55 -5.63
N GLU A 208 -14.17 -26.47 -5.10
CA GLU A 208 -15.30 -26.55 -4.18
C GLU A 208 -16.43 -25.67 -4.66
N GLN A 209 -17.61 -25.86 -4.11
CA GLN A 209 -18.70 -24.92 -4.34
C GLN A 209 -18.92 -24.15 -3.08
N MET A 210 -19.21 -22.87 -3.21
CA MET A 210 -19.41 -22.03 -2.04
C MET A 210 -20.65 -22.49 -1.29
N PRO A 211 -20.44 -22.87 -0.01
CA PRO A 211 -21.50 -23.39 0.86
C PRO A 211 -22.47 -22.28 1.32
N TYR A 212 -22.06 -21.02 1.17
CA TYR A 212 -22.91 -19.88 1.52
C TYR A 212 -22.41 -18.63 0.81
N ASN A 213 -23.15 -17.52 0.94
CA ASN A 213 -22.70 -16.28 0.36
C ASN A 213 -21.54 -15.66 1.14
N LEU A 214 -20.67 -14.94 0.43
CA LEU A 214 -19.65 -14.13 1.07
C LEU A 214 -19.57 -12.81 0.35
N GLU A 215 -20.35 -11.83 0.77
CA GLU A 215 -20.41 -10.59 0.02
C GLU A 215 -19.09 -9.83 0.12
N GLY A 216 -18.34 -10.07 1.18
CA GLY A 216 -17.02 -9.50 1.33
C GLY A 216 -16.09 -9.80 0.18
N PHE A 217 -16.23 -10.97 -0.43
CA PHE A 217 -15.38 -11.30 -1.57
C PHE A 217 -16.15 -11.49 -2.88
N ASP A 218 -17.30 -10.82 -2.99
CA ASP A 218 -18.17 -10.93 -4.17
C ASP A 218 -18.41 -12.38 -4.62
N LEU A 219 -18.73 -13.24 -3.64
CA LEU A 219 -19.05 -14.64 -3.91
C LEU A 219 -20.47 -14.99 -3.48
N LYS A 220 -21.13 -15.86 -4.25
CA LYS A 220 -22.46 -16.33 -3.87
C LYS A 220 -22.46 -17.83 -3.73
N ALA A 221 -23.42 -18.36 -2.98
CA ALA A 221 -23.53 -19.81 -2.81
C ALA A 221 -23.60 -20.51 -4.17
N GLY A 222 -22.76 -21.53 -4.36
CA GLY A 222 -22.74 -22.21 -5.63
C GLY A 222 -21.62 -21.77 -6.57
N ASP A 223 -21.01 -20.60 -6.31
CA ASP A 223 -19.82 -20.17 -7.05
C ASP A 223 -18.72 -21.19 -6.83
N ARG A 224 -17.96 -21.49 -7.87
CA ARG A 224 -16.88 -22.45 -7.72
C ARG A 224 -15.58 -21.75 -7.36
N VAL A 225 -14.89 -22.28 -6.36
CA VAL A 225 -13.65 -21.69 -5.87
C VAL A 225 -12.62 -22.78 -5.61
N LEU A 226 -11.43 -22.61 -6.17
CA LEU A 226 -10.31 -23.50 -5.88
C LEU A 226 -9.73 -23.10 -4.54
N MET A 227 -9.64 -24.04 -3.61
CA MET A 227 -9.11 -23.73 -2.31
C MET A 227 -8.33 -24.88 -1.69
N THR A 228 -7.55 -24.54 -0.67
CA THR A 228 -6.71 -25.49 0.04
C THR A 228 -7.42 -26.09 1.27
N GLN A 229 -6.73 -27.00 1.94
CA GLN A 229 -7.24 -27.54 3.19
C GLN A 229 -7.49 -26.42 4.20
N ILE A 230 -6.49 -25.56 4.42
CA ILE A 230 -6.61 -24.44 5.34
C ILE A 230 -7.80 -23.55 4.95
N GLY A 231 -7.93 -23.31 3.65
CA GLY A 231 -9.07 -22.55 3.15
C GLY A 231 -10.39 -23.17 3.57
N ARG A 232 -10.52 -24.48 3.28
CA ARG A 232 -11.72 -25.24 3.63
C ARG A 232 -12.02 -25.13 5.12
N ILE A 233 -10.95 -25.25 5.93
CA ILE A 233 -11.11 -25.14 7.36
C ILE A 233 -11.63 -23.75 7.79
N ILE A 234 -11.11 -22.69 7.17
CA ILE A 234 -11.62 -21.36 7.47
C ILE A 234 -13.11 -21.25 7.11
N LEU A 235 -13.50 -21.71 5.94
CA LEU A 235 -14.91 -21.60 5.53
C LEU A 235 -15.85 -22.49 6.37
N ALA A 236 -15.28 -23.53 6.98
CA ALA A 236 -16.07 -24.40 7.86
C ALA A 236 -16.16 -23.86 9.29
N ASN A 237 -15.43 -22.79 9.57
CA ASN A 237 -15.32 -22.26 10.93
C ASN A 237 -14.77 -23.30 11.92
N TYR A 238 -13.86 -24.15 11.44
CA TYR A 238 -13.14 -25.06 12.32
C TYR A 238 -11.89 -24.35 12.81
N SER A 239 -11.16 -24.99 13.72
CA SER A 239 -9.94 -24.43 14.27
C SER A 239 -8.71 -24.95 13.57
N LEU A 240 -7.84 -24.06 13.13
CA LEU A 240 -6.58 -24.45 12.50
C LEU A 240 -5.63 -25.07 13.53
N ALA A 241 -5.73 -24.64 14.79
CA ALA A 241 -4.82 -25.12 15.83
C ALA A 241 -5.07 -26.60 16.17
N LYS A 242 -6.36 -26.95 16.23
CA LYS A 242 -6.87 -28.31 16.40
C LYS A 242 -6.32 -29.33 15.38
N GLU A 243 -6.16 -28.90 14.12
CA GLU A 243 -5.65 -29.77 13.07
C GLU A 243 -4.23 -30.16 13.37
N GLN A 244 -3.81 -31.37 12.98
CA GLN A 244 -2.42 -31.74 13.21
C GLN A 244 -1.66 -32.12 11.95
N GLU A 245 -2.35 -32.48 10.87
CA GLU A 245 -1.62 -32.56 9.62
C GLU A 245 -1.99 -31.40 8.70
N LEU A 246 -1.18 -30.35 8.75
CA LEU A 246 -1.35 -29.19 7.88
C LEU A 246 -0.03 -28.94 7.12
N ASN A 247 -0.15 -28.52 5.87
CA ASN A 247 1.01 -28.19 5.03
C ASN A 247 1.34 -26.70 5.10
N ALA A 248 2.63 -26.38 5.19
CA ALA A 248 3.09 -25.01 5.35
C ALA A 248 2.77 -24.13 4.15
N SER A 249 2.65 -24.73 2.97
CA SER A 249 2.40 -23.95 1.77
C SER A 249 0.99 -23.38 1.81
N ASP A 250 0.07 -24.12 2.42
CA ASP A 250 -1.34 -23.73 2.43
C ASP A 250 -1.60 -22.46 3.23
N ILE A 251 -0.58 -21.95 3.94
CA ILE A 251 -0.75 -20.81 4.82
C ILE A 251 -1.27 -19.59 4.07
N ASP A 252 -0.61 -19.27 2.96
CA ASP A 252 -0.94 -18.06 2.22
C ASP A 252 -1.36 -18.36 0.78
N LEU A 253 -1.55 -19.64 0.46
CA LEU A 253 -2.07 -20.01 -0.87
C LEU A 253 -3.47 -19.48 -0.96
N PRO A 254 -3.72 -18.64 -1.98
CA PRO A 254 -5.01 -17.94 -2.08
C PRO A 254 -6.16 -18.79 -2.63
N PHE A 255 -7.38 -18.47 -2.20
CA PHE A 255 -8.56 -18.93 -2.89
C PHE A 255 -8.48 -18.35 -4.31
N LEU A 256 -8.66 -19.19 -5.33
CA LEU A 256 -8.74 -18.75 -6.73
C LEU A 256 -10.18 -18.91 -7.20
N LYS A 257 -10.83 -17.84 -7.64
CA LYS A 257 -12.21 -17.93 -8.11
C LYS A 257 -12.25 -18.54 -9.51
N VAL A 258 -13.33 -19.27 -9.84
CA VAL A 258 -13.50 -19.81 -11.19
C VAL A 258 -14.72 -19.19 -11.89
N GLY A 259 -14.63 -18.89 -13.18
CA GLY A 259 -15.73 -18.26 -13.89
C GLY A 259 -16.94 -19.13 -14.26
N SER A 260 -17.97 -18.48 -14.79
CA SER A 260 -19.20 -19.17 -15.18
C SER A 260 -18.97 -20.16 -16.33
N ASP A 261 -17.88 -19.98 -17.05
CA ASP A 261 -17.48 -20.87 -18.14
C ASP A 261 -16.53 -21.97 -17.67
N GLU A 262 -16.47 -22.20 -16.35
CA GLU A 262 -15.61 -23.24 -15.73
C GLU A 262 -14.09 -23.05 -15.90
N LYS A 263 -13.66 -21.87 -16.36
CA LYS A 263 -12.23 -21.57 -16.46
C LYS A 263 -11.80 -20.65 -15.31
N ILE A 264 -10.58 -20.81 -14.83
CA ILE A 264 -10.04 -19.97 -13.75
C ILE A 264 -10.03 -18.48 -14.11
N LEU A 265 -10.44 -17.64 -13.18
CA LEU A 265 -10.38 -16.18 -13.40
C LEU A 265 -8.92 -15.73 -13.22
N ASP A 266 -8.34 -15.20 -14.30
CA ASP A 266 -6.94 -14.71 -14.29
C ASP A 266 -6.76 -13.57 -13.28
N PHE A 267 -5.52 -13.28 -12.88
CA PHE A 267 -5.28 -12.29 -11.81
C PHE A 267 -5.90 -10.89 -12.08
N ASP A 268 -6.00 -10.52 -13.36
CA ASP A 268 -6.51 -9.20 -13.72
C ASP A 268 -7.98 -9.25 -14.05
N GLU A 269 -8.59 -10.44 -13.90
CA GLU A 269 -10.01 -10.59 -14.18
C GLU A 269 -10.84 -10.63 -12.90
N ALA A 270 -10.18 -10.81 -11.77
CA ALA A 270 -10.84 -10.93 -10.48
C ALA A 270 -9.80 -10.95 -9.36
N ASP A 271 -10.16 -10.42 -8.19
CA ASP A 271 -9.26 -10.47 -7.04
C ASP A 271 -9.27 -11.88 -6.39
N THR A 272 -8.09 -12.37 -6.04
CA THR A 272 -7.94 -13.50 -5.15
C THR A 272 -8.01 -13.03 -3.70
N PHE A 273 -8.05 -13.94 -2.74
CA PHE A 273 -7.93 -13.54 -1.35
C PHE A 273 -7.28 -14.66 -0.55
N THR A 274 -6.59 -14.33 0.55
CA THR A 274 -5.84 -15.34 1.28
C THR A 274 -6.66 -15.89 2.46
N PRO A 275 -6.17 -16.98 3.09
CA PRO A 275 -6.80 -17.44 4.34
C PRO A 275 -6.90 -16.35 5.41
N LEU A 276 -5.84 -15.56 5.59
CA LEU A 276 -5.87 -14.55 6.63
C LEU A 276 -7.00 -13.53 6.36
N MET A 277 -7.13 -13.11 5.09
CA MET A 277 -8.20 -12.19 4.69
C MET A 277 -9.58 -12.72 5.03
N ALA A 278 -9.84 -13.97 4.69
CA ALA A 278 -11.12 -14.61 5.02
C ALA A 278 -11.35 -14.76 6.55
N ALA A 279 -10.34 -15.25 7.25
CA ALA A 279 -10.45 -15.37 8.70
C ALA A 279 -10.82 -14.01 9.32
N CYS A 280 -10.14 -12.94 8.91
CA CYS A 280 -10.47 -11.58 9.39
C CYS A 280 -11.86 -11.13 9.03
N TYR A 281 -12.30 -11.42 7.81
CA TYR A 281 -13.64 -11.00 7.41
C TYR A 281 -14.68 -11.74 8.24
N LEU A 282 -14.48 -13.05 8.43
CA LEU A 282 -15.44 -13.88 9.18
C LEU A 282 -15.36 -13.70 10.71
N GLY A 283 -14.33 -12.97 11.16
CA GLY A 283 -14.22 -12.65 12.57
C GLY A 283 -13.65 -13.78 13.39
N GLN A 284 -12.85 -14.64 12.75
CA GLN A 284 -12.28 -15.81 13.43
C GLN A 284 -10.97 -15.51 14.17
N VAL A 285 -11.09 -14.95 15.38
CA VAL A 285 -9.95 -14.52 16.18
C VAL A 285 -8.82 -15.54 16.28
N GLU A 286 -9.10 -16.73 16.80
CA GLU A 286 -8.03 -17.71 16.99
C GLU A 286 -7.39 -18.17 15.67
N ASN A 287 -8.18 -18.26 14.60
CA ASN A 287 -7.58 -18.58 13.30
C ASN A 287 -6.73 -17.41 12.79
N VAL A 288 -7.21 -16.18 12.99
CA VAL A 288 -6.37 -15.01 12.65
C VAL A 288 -5.04 -15.09 13.41
N LYS A 289 -5.11 -15.36 14.72
CA LYS A 289 -3.90 -15.44 15.54
C LYS A 289 -2.99 -16.57 15.05
N TRP A 290 -3.59 -17.72 14.74
CA TRP A 290 -2.85 -18.85 14.20
C TRP A 290 -2.12 -18.46 12.90
N LEU A 291 -2.87 -17.89 11.96
CA LEU A 291 -2.34 -17.54 10.66
C LEU A 291 -1.24 -16.46 10.77
N ILE A 292 -1.39 -15.48 11.68
CA ILE A 292 -0.34 -14.45 11.83
C ILE A 292 0.99 -15.08 12.24
N GLU A 293 0.93 -15.93 13.26
CA GLU A 293 2.13 -16.52 13.81
C GLU A 293 2.84 -17.42 12.81
N HIS A 294 2.11 -18.01 11.87
CA HIS A 294 2.73 -18.92 10.91
C HIS A 294 3.15 -18.23 9.58
N GLY A 295 3.20 -16.89 9.60
CA GLY A 295 3.80 -16.12 8.53
C GLY A 295 2.88 -15.57 7.44
N ALA A 296 1.59 -15.50 7.72
CA ALA A 296 0.68 -14.92 6.74
C ALA A 296 0.98 -13.43 6.58
N ASN A 297 0.98 -12.97 5.34
CA ASN A 297 1.23 -11.56 5.06
C ASN A 297 0.05 -10.69 5.48
N ILE A 298 0.16 -10.14 6.68
CA ILE A 298 -0.85 -9.27 7.25
C ILE A 298 -1.12 -7.94 6.49
N ASP A 299 -0.29 -7.62 5.50
CA ASP A 299 -0.46 -6.37 4.75
C ASP A 299 -0.81 -6.65 3.30
N GLN A 300 -1.20 -7.89 3.01
CA GLN A 300 -1.52 -8.31 1.65
C GLN A 300 -2.75 -7.56 1.15
N GLN A 301 -2.76 -7.20 -0.13
CA GLN A 301 -3.87 -6.41 -0.66
C GLN A 301 -4.45 -7.05 -1.89
N GLN A 302 -5.75 -6.94 -2.04
CA GLN A 302 -6.37 -7.38 -3.26
C GLN A 302 -5.99 -6.37 -4.34
N SER A 303 -5.67 -6.89 -5.54
CA SER A 303 -4.98 -6.10 -6.55
C SER A 303 -5.85 -4.98 -7.09
N HIS A 304 -7.12 -5.29 -7.32
CA HIS A 304 -8.06 -4.33 -7.86
C HIS A 304 -8.79 -3.55 -6.76
N SER A 305 -9.18 -4.22 -5.69
CA SER A 305 -10.04 -3.56 -4.70
C SER A 305 -9.19 -2.84 -3.65
N GLY A 306 -8.00 -3.34 -3.35
CA GLY A 306 -7.21 -2.80 -2.27
C GLY A 306 -7.51 -3.39 -0.89
N HIS A 307 -8.58 -4.19 -0.78
CA HIS A 307 -8.96 -4.73 0.54
C HIS A 307 -7.83 -5.54 1.12
N CYS A 308 -7.65 -5.40 2.42
CA CYS A 308 -6.54 -6.04 3.11
C CYS A 308 -7.09 -6.57 4.43
N PRO A 309 -6.24 -7.23 5.25
CA PRO A 309 -6.88 -7.71 6.48
C PRO A 309 -7.56 -6.65 7.37
N LEU A 310 -6.94 -5.47 7.54
CA LEU A 310 -7.55 -4.36 8.29
C LEU A 310 -8.89 -3.93 7.71
N SER A 311 -8.92 -3.63 6.42
CA SER A 311 -10.15 -3.16 5.81
C SER A 311 -11.27 -4.21 5.87
N LEU A 312 -10.91 -5.49 5.70
CA LEU A 312 -11.90 -6.57 5.73
C LEU A 312 -12.44 -6.77 7.15
N THR A 313 -11.56 -6.58 8.15
CA THR A 313 -11.95 -6.62 9.55
C THR A 313 -12.96 -5.53 9.88
N LEU A 314 -12.67 -4.32 9.42
CA LEU A 314 -13.61 -3.22 9.54
C LEU A 314 -14.92 -3.55 8.87
N LYS A 315 -14.87 -4.14 7.68
CA LYS A 315 -16.12 -4.51 6.98
C LYS A 315 -16.89 -5.56 7.77
N GLY A 316 -16.20 -6.59 8.24
CA GLY A 316 -16.83 -7.57 9.11
C GLY A 316 -17.55 -6.89 10.27
N TYR A 317 -16.86 -5.94 10.92
CA TYR A 317 -17.37 -5.23 12.08
C TYR A 317 -18.68 -4.55 11.76
N SER A 318 -18.72 -3.87 10.62
CA SER A 318 -19.90 -3.10 10.26
C SER A 318 -21.16 -3.97 10.14
N LEU A 319 -20.98 -5.27 9.92
CA LEU A 319 -22.11 -6.17 9.74
C LEU A 319 -22.33 -7.04 10.95
N ALA A 320 -21.39 -7.03 11.87
CA ALA A 320 -21.34 -8.01 12.94
C ALA A 320 -22.48 -7.92 13.96
N LYS A 321 -22.89 -9.10 14.43
CA LYS A 321 -23.68 -9.23 15.63
C LYS A 321 -22.76 -9.02 16.84
N ASP A 322 -21.69 -9.80 16.89
CA ASP A 322 -20.66 -9.70 17.92
C ASP A 322 -19.51 -8.81 17.46
N THR A 323 -19.56 -7.51 17.74
CA THR A 323 -18.54 -6.61 17.23
C THR A 323 -17.21 -6.78 17.92
N GLN A 324 -17.22 -7.33 19.13
CA GLN A 324 -16.01 -7.40 19.95
C GLN A 324 -14.91 -8.27 19.33
N LYS A 325 -15.29 -9.35 18.66
CA LYS A 325 -14.26 -10.21 18.05
C LYS A 325 -13.52 -9.49 16.92
N TYR A 326 -14.22 -8.59 16.23
CA TYR A 326 -13.55 -7.80 15.20
C TYR A 326 -12.55 -6.82 15.85
N ILE A 327 -12.92 -6.22 16.97
CA ILE A 327 -11.98 -5.40 17.75
C ILE A 327 -10.75 -6.20 18.19
N ASP A 328 -10.95 -7.45 18.62
CA ASP A 328 -9.83 -8.28 19.09
C ASP A 328 -8.86 -8.60 17.94
N ILE A 329 -9.43 -8.74 16.75
CA ILE A 329 -8.65 -8.97 15.54
C ILE A 329 -7.86 -7.70 15.15
N ILE A 330 -8.46 -6.53 15.37
CA ILE A 330 -7.78 -5.24 15.14
C ILE A 330 -6.59 -5.13 16.07
N GLN A 331 -6.83 -5.44 17.33
CA GLN A 331 -5.78 -5.50 18.35
C GLN A 331 -4.65 -6.47 17.94
N LEU A 332 -5.01 -7.63 17.39
CA LEU A 332 -4.01 -8.61 17.02
C LEU A 332 -3.13 -8.13 15.88
N LEU A 333 -3.76 -7.52 14.88
CA LEU A 333 -3.02 -6.98 13.76
C LEU A 333 -2.07 -5.85 14.23
N ILE A 334 -2.53 -5.01 15.16
CA ILE A 334 -1.73 -3.89 15.64
C ILE A 334 -0.56 -4.38 16.49
N LYS A 335 -0.82 -5.43 17.28
CA LYS A 335 0.22 -6.07 18.10
C LYS A 335 1.32 -6.68 17.21
N ASN A 336 1.01 -7.00 15.96
CA ASN A 336 2.03 -7.54 15.08
C ASN A 336 2.49 -6.55 14.00
N GLN A 337 2.40 -5.26 14.32
CA GLN A 337 2.86 -4.17 13.46
C GLN A 337 2.30 -4.22 12.05
N VAL A 338 0.98 -4.27 11.94
CA VAL A 338 0.33 -4.17 10.63
C VAL A 338 0.53 -2.73 10.14
N ASN A 339 0.64 -2.53 8.83
CA ASN A 339 0.83 -1.16 8.36
C ASN A 339 -0.50 -0.42 8.37
N LEU A 340 -0.70 0.38 9.41
CA LEU A 340 -1.90 1.19 9.53
C LEU A 340 -1.96 2.34 8.51
N LEU A 341 -0.86 2.59 7.80
CA LEU A 341 -0.87 3.66 6.81
C LEU A 341 -1.45 3.23 5.46
N VAL A 342 -1.79 1.95 5.33
CA VAL A 342 -2.42 1.46 4.10
C VAL A 342 -3.68 2.28 3.83
N HIS A 343 -4.03 2.48 2.57
CA HIS A 343 -5.19 3.30 2.26
C HIS A 343 -5.97 2.76 1.10
N ASP A 344 -7.21 3.23 0.96
CA ASP A 344 -8.06 2.80 -0.14
C ASP A 344 -7.90 3.74 -1.35
N ARG A 345 -8.79 3.64 -2.32
CA ARG A 345 -8.63 4.42 -3.56
C ARG A 345 -9.08 5.87 -3.39
N SER A 346 -9.66 6.16 -2.22
CA SER A 346 -9.99 7.52 -1.84
C SER A 346 -8.88 8.18 -1.06
N ASP A 347 -7.77 7.46 -0.89
CA ASP A 347 -6.64 7.89 -0.06
C ASP A 347 -6.98 7.97 1.43
N LYS A 348 -8.04 7.28 1.85
CA LYS A 348 -8.38 7.18 3.26
C LYS A 348 -7.57 6.05 3.91
N THR A 349 -6.82 6.39 4.95
CA THR A 349 -6.07 5.39 5.70
C THR A 349 -6.97 4.60 6.66
N PHE A 350 -6.39 3.64 7.37
CA PHE A 350 -7.13 2.90 8.37
C PHE A 350 -7.86 3.80 9.35
N LEU A 351 -7.15 4.78 9.89
CA LEU A 351 -7.75 5.63 10.91
C LEU A 351 -8.82 6.54 10.30
N HIS A 352 -8.67 6.89 9.01
CA HIS A 352 -9.76 7.58 8.33
C HIS A 352 -11.04 6.76 8.42
N ASN A 353 -10.94 5.52 7.97
CA ASN A 353 -12.13 4.70 7.81
C ASN A 353 -12.65 4.15 9.13
N ALA A 354 -11.74 3.84 10.06
CA ALA A 354 -12.15 3.36 11.38
C ALA A 354 -13.02 4.40 12.08
N ALA A 355 -12.78 5.67 11.77
CA ALA A 355 -13.50 6.75 12.42
C ALA A 355 -14.96 6.76 11.97
N LEU A 356 -15.18 6.33 10.73
CA LEU A 356 -16.52 6.25 10.17
C LEU A 356 -17.23 4.98 10.62
N VAL A 357 -16.50 3.87 10.68
CA VAL A 357 -17.10 2.56 10.92
C VAL A 357 -17.24 2.19 12.40
N LEU A 358 -16.21 2.45 13.20
CA LEU A 358 -16.24 2.13 14.63
C LEU A 358 -17.10 3.09 15.45
N ASN A 359 -17.76 2.58 16.49
CA ASN A 359 -18.47 3.49 17.39
C ASN A 359 -17.45 4.13 18.33
N ASN A 360 -17.88 5.11 19.12
CA ASN A 360 -16.98 5.92 19.94
C ASN A 360 -16.12 5.13 20.91
N LEU A 361 -16.73 4.19 21.62
CA LEU A 361 -16.00 3.34 22.56
C LEU A 361 -14.94 2.49 21.86
N ASP A 362 -15.34 1.92 20.72
CA ASP A 362 -14.46 1.06 19.96
C ASP A 362 -13.33 1.87 19.27
N PHE A 363 -13.68 3.02 18.68
CA PHE A 363 -12.64 3.91 18.12
C PHE A 363 -11.64 4.30 19.22
N GLN A 364 -12.15 4.78 20.36
CA GLN A 364 -11.32 5.11 21.52
C GLN A 364 -10.40 3.94 21.93
N SER A 365 -10.99 2.76 21.96
CA SER A 365 -10.29 1.54 22.34
C SER A 365 -9.18 1.18 21.35
N VAL A 366 -9.46 1.26 20.06
CA VAL A 366 -8.46 0.96 19.05
C VAL A 366 -7.32 2.00 19.11
N VAL A 367 -7.65 3.28 19.35
CA VAL A 367 -6.57 4.27 19.47
C VAL A 367 -5.73 3.94 20.72
N LYS A 368 -6.39 3.46 21.77
CA LYS A 368 -5.67 3.07 22.98
C LYS A 368 -4.67 1.95 22.68
N PHE A 369 -5.06 0.96 21.86
CA PHE A 369 -4.14 -0.11 21.43
C PHE A 369 -2.89 0.48 20.79
N LEU A 370 -3.10 1.41 19.88
CA LEU A 370 -1.99 2.06 19.19
C LEU A 370 -1.09 2.84 20.15
N ILE A 371 -1.70 3.52 21.11
CA ILE A 371 -0.96 4.18 22.18
C ILE A 371 -0.05 3.18 22.89
N GLY A 372 -0.58 1.99 23.20
CA GLY A 372 0.16 0.95 23.90
C GLY A 372 1.39 0.44 23.18
N GLN A 373 1.44 0.69 21.87
CA GLN A 373 2.58 0.32 21.01
C GLN A 373 3.67 1.39 21.07
N ASN A 374 3.35 2.48 21.77
CA ASN A 374 4.26 3.63 21.92
C ASN A 374 4.99 3.93 20.59
N PRO A 375 4.24 4.42 19.57
CA PRO A 375 4.83 4.66 18.25
C PRO A 375 5.86 5.78 18.27
N ILE A 376 6.90 5.67 17.44
CA ILE A 376 7.93 6.72 17.38
C ILE A 376 7.41 7.99 16.72
N ASP A 377 6.92 7.87 15.49
CA ASP A 377 6.40 9.02 14.75
C ASP A 377 4.87 8.98 14.70
N ILE A 378 4.24 9.50 15.75
CA ILE A 378 2.78 9.58 15.83
C ILE A 378 2.25 10.52 14.74
N ASN A 379 3.08 11.49 14.36
CA ASN A 379 2.72 12.48 13.35
C ASN A 379 2.47 11.85 11.97
N GLU A 380 3.05 10.68 11.74
CA GLU A 380 2.94 10.09 10.41
C GLU A 380 1.50 9.63 10.12
N TYR A 381 0.76 9.26 11.17
CA TYR A 381 -0.66 8.97 11.01
C TYR A 381 -1.47 10.22 10.72
N PHE A 382 -0.98 11.38 11.15
CA PHE A 382 -1.74 12.60 11.02
C PHE A 382 -1.31 13.38 9.77
N THR A 383 -0.47 12.76 8.95
CA THR A 383 0.14 13.45 7.83
C THR A 383 -0.46 13.01 6.48
N TYR A 384 -1.03 11.81 6.44
CA TYR A 384 -1.58 11.31 5.19
C TYR A 384 -2.96 11.94 4.94
N ILE A 385 -3.14 12.63 3.81
CA ILE A 385 -4.43 13.28 3.52
C ILE A 385 -5.25 12.53 2.47
N ASP A 386 -6.56 12.58 2.57
CA ASP A 386 -7.37 11.88 1.59
C ASP A 386 -7.55 12.74 0.32
N GLU A 387 -8.43 12.27 -0.57
CA GLU A 387 -8.67 12.94 -1.85
C GLU A 387 -9.26 14.32 -1.63
N ASN A 388 -9.87 14.54 -0.47
CA ASN A 388 -10.42 15.86 -0.19
C ASN A 388 -9.40 16.80 0.49
N ASP A 389 -8.15 16.35 0.60
CA ASP A 389 -7.06 17.06 1.34
C ASP A 389 -7.20 17.00 2.87
N PHE A 390 -8.11 16.15 3.36
CA PHE A 390 -8.32 16.01 4.81
C PHE A 390 -7.40 14.95 5.43
N ASP A 391 -6.59 15.36 6.42
CA ASP A 391 -5.92 14.38 7.26
C ASP A 391 -6.97 13.76 8.20
N ILE A 392 -6.57 12.86 9.10
CA ILE A 392 -7.57 12.18 9.93
C ILE A 392 -8.34 13.07 10.92
N VAL A 393 -7.73 14.17 11.38
CA VAL A 393 -8.43 15.10 12.26
C VAL A 393 -9.43 15.92 11.45
N MET A 394 -8.97 16.47 10.33
CA MET A 394 -9.86 17.22 9.44
C MET A 394 -10.99 16.32 9.01
N HIS A 395 -10.66 15.04 8.80
CA HIS A 395 -11.67 14.06 8.37
C HIS A 395 -12.79 13.89 9.40
N CYS A 396 -12.44 13.80 10.68
CA CYS A 396 -13.46 13.69 11.71
C CYS A 396 -14.41 14.90 11.68
N TYR A 397 -13.84 16.10 11.65
CA TYR A 397 -14.62 17.33 11.70
C TYR A 397 -15.55 17.48 10.52
N ASN A 398 -15.07 17.14 9.32
CA ASN A 398 -15.91 17.17 8.14
C ASN A 398 -17.12 16.21 8.26
N ASN A 399 -17.00 15.23 9.15
CA ASN A 399 -18.07 14.24 9.35
C ASN A 399 -18.75 14.40 10.71
N LYS A 400 -18.60 15.57 11.34
CA LYS A 400 -19.25 15.88 12.61
C LYS A 400 -18.89 14.87 13.69
N LEU A 401 -17.70 14.30 13.59
CA LEU A 401 -17.27 13.31 14.55
C LEU A 401 -16.42 13.94 15.63
N PHE A 402 -17.04 14.75 16.48
CA PHE A 402 -16.30 15.55 17.46
C PHE A 402 -15.58 14.72 18.53
N ASP A 403 -16.27 13.70 19.05
CA ASP A 403 -15.68 12.84 20.07
C ASP A 403 -14.51 12.03 19.53
N LYS A 404 -14.62 11.60 18.27
CA LYS A 404 -13.53 10.90 17.60
C LYS A 404 -12.32 11.84 17.53
N ALA A 405 -12.58 13.07 17.08
CA ALA A 405 -11.54 14.10 16.97
C ALA A 405 -10.78 14.28 18.27
N LEU A 406 -11.50 14.40 19.38
CA LEU A 406 -10.90 14.51 20.72
C LEU A 406 -10.00 13.31 21.09
N VAL A 407 -10.41 12.11 20.69
CA VAL A 407 -9.61 10.91 20.96
C VAL A 407 -8.28 10.99 20.23
N LEU A 408 -8.33 11.45 18.98
CA LEU A 408 -7.11 11.68 18.18
C LEU A 408 -6.27 12.81 18.76
N LEU A 409 -6.91 13.89 19.19
CA LEU A 409 -6.21 15.03 19.80
C LEU A 409 -5.53 14.61 21.10
N ALA A 410 -6.22 13.82 21.94
CA ALA A 410 -5.59 13.26 23.13
C ALA A 410 -4.40 12.40 22.76
N PHE A 411 -4.58 11.60 21.71
CA PHE A 411 -3.54 10.74 21.21
C PHE A 411 -2.32 11.57 20.82
N TYR A 412 -2.58 12.64 20.09
CA TYR A 412 -1.50 13.48 19.57
C TYR A 412 -1.75 14.94 19.89
N PRO A 413 -1.07 15.44 20.95
CA PRO A 413 -1.20 16.82 21.42
C PRO A 413 -0.46 17.81 20.48
N ASP A 414 0.67 17.37 19.95
CA ASP A 414 1.45 18.20 19.04
C ASP A 414 0.84 18.33 17.64
N TYR A 415 -0.41 17.88 17.45
CA TYR A 415 -1.03 17.88 16.12
C TYR A 415 -1.01 19.28 15.46
N PHE A 416 -1.67 20.24 16.11
CA PHE A 416 -1.72 21.60 15.59
C PHE A 416 -0.35 22.24 15.53
N LYS A 417 0.47 22.00 16.54
CA LYS A 417 1.79 22.60 16.58
C LYS A 417 2.66 22.10 15.44
N ARG A 418 2.62 20.81 15.16
CA ARG A 418 3.49 20.24 14.13
C ARG A 418 3.01 20.53 12.69
N ASN A 419 1.71 20.73 12.50
CA ASN A 419 1.20 20.84 11.13
C ASN A 419 0.62 22.21 10.76
N TYR A 420 0.49 23.11 11.74
CA TYR A 420 -0.11 24.41 11.51
C TYR A 420 0.81 25.53 11.94
N MET A 421 1.80 25.16 12.74
CA MET A 421 2.72 26.13 13.30
C MET A 421 4.15 25.67 13.13
N SER A 422 4.44 24.95 12.04
CA SER A 422 5.81 24.50 11.78
C SER A 422 6.66 25.62 11.17
N ASP A 423 7.88 25.27 10.75
CA ASP A 423 8.79 26.23 10.12
C ASP A 423 8.51 26.41 8.64
N ASN A 424 7.56 25.64 8.14
CA ASN A 424 7.18 25.70 6.75
C ASN A 424 5.83 26.38 6.62
N GLU A 425 5.84 27.67 6.34
CA GLU A 425 4.60 28.44 6.18
C GLU A 425 3.75 27.99 5.01
N GLY A 426 4.38 27.52 3.93
CA GLY A 426 3.65 26.95 2.83
C GLY A 426 2.78 25.81 3.31
N HIS A 427 3.41 24.87 4.01
CA HIS A 427 2.70 23.71 4.52
C HIS A 427 1.64 24.14 5.56
N ASN A 428 2.02 25.03 6.49
CA ASN A 428 1.09 25.54 7.50
C ASN A 428 -0.20 26.08 6.90
N GLN A 429 -0.06 26.91 5.85
CA GLN A 429 -1.22 27.60 5.29
C GLN A 429 -2.07 26.64 4.51
N PHE A 430 -1.43 25.65 3.89
CA PHE A 430 -2.17 24.59 3.23
C PHE A 430 -3.10 23.87 4.20
N ASN A 431 -2.57 23.49 5.36
CA ASN A 431 -3.38 22.78 6.38
C ASN A 431 -4.47 23.66 6.96
N ILE A 432 -4.15 24.92 7.26
CA ILE A 432 -5.16 25.91 7.65
C ILE A 432 -6.28 26.00 6.60
N ASN A 433 -5.94 26.12 5.33
CA ASN A 433 -7.02 26.19 4.33
C ASN A 433 -7.82 24.89 4.24
N ALA A 434 -7.13 23.75 4.30
CA ALA A 434 -7.79 22.45 4.30
C ALA A 434 -8.74 22.31 5.46
N PHE A 435 -8.30 22.76 6.64
CA PHE A 435 -9.15 22.73 7.82
C PHE A 435 -10.43 23.55 7.62
N ARG A 436 -10.29 24.76 7.07
CA ARG A 436 -11.44 25.64 6.80
C ARG A 436 -12.39 24.92 5.86
N LYS A 437 -11.81 24.30 4.83
CA LYS A 437 -12.58 23.53 3.87
C LYS A 437 -13.36 22.42 4.58
N ALA A 438 -12.74 21.80 5.57
CA ALA A 438 -13.34 20.69 6.30
C ALA A 438 -14.55 21.11 7.12
N ILE A 439 -14.58 22.36 7.58
CA ILE A 439 -15.67 22.82 8.44
C ILE A 439 -16.56 23.85 7.75
N LYS A 440 -16.42 23.99 6.43
CA LYS A 440 -17.10 25.07 5.72
C LYS A 440 -18.62 24.91 5.67
N ASP A 441 -19.15 23.80 6.17
CA ASP A 441 -20.59 23.58 6.14
C ASP A 441 -21.16 23.54 7.55
N PHE A 442 -20.31 23.82 8.53
CA PHE A 442 -20.75 23.86 9.91
C PHE A 442 -21.82 24.93 10.12
N ASN A 443 -22.73 24.69 11.06
CA ASN A 443 -23.77 25.65 11.35
C ASN A 443 -23.45 26.46 12.60
N SER A 444 -24.31 27.44 12.87
CA SER A 444 -24.29 28.28 14.06
C SER A 444 -23.73 27.57 15.30
N ASN A 445 -24.21 26.36 15.54
CA ASN A 445 -23.91 25.60 16.75
C ASN A 445 -22.65 24.77 16.62
N GLU A 446 -22.42 24.25 15.42
CA GLU A 446 -21.33 23.31 15.20
C GLU A 446 -19.96 23.98 15.28
N ARG A 447 -19.87 25.27 14.92
CA ARG A 447 -18.58 25.97 15.01
C ARG A 447 -18.23 26.34 16.45
N SER A 448 -19.25 26.44 17.31
CA SER A 448 -19.04 26.81 18.70
C SER A 448 -18.61 25.62 19.57
N ILE A 449 -19.16 24.44 19.27
CA ILE A 449 -18.74 23.24 19.97
C ILE A 449 -17.29 22.92 19.57
N LEU A 450 -16.96 23.16 18.30
CA LEU A 450 -15.60 22.99 17.81
C LEU A 450 -14.65 23.94 18.53
N LEU A 451 -15.06 25.20 18.61
CA LEU A 451 -14.28 26.21 19.31
C LEU A 451 -14.12 25.89 20.80
N MET A 452 -15.17 25.32 21.38
CA MET A 452 -15.14 24.97 22.80
C MET A 452 -14.06 23.93 23.11
N GLN A 453 -14.07 22.83 22.37
CA GLN A 453 -13.19 21.70 22.67
C GLN A 453 -11.74 22.03 22.36
N LEU A 454 -11.54 22.93 21.40
CA LEU A 454 -10.21 23.40 21.02
C LEU A 454 -9.48 24.10 22.18
N ARG A 455 -10.24 24.75 23.07
CA ARG A 455 -9.64 25.53 24.14
C ARG A 455 -9.39 24.73 25.40
N GLU A 456 -10.24 23.74 25.69
CA GLU A 456 -10.08 22.92 26.90
C GLU A 456 -9.29 21.67 26.60
N SER A 457 -8.89 21.58 25.33
CA SER A 457 -8.00 20.54 24.81
C SER A 457 -6.67 20.40 25.55
N GLY A 458 -6.13 21.55 25.98
CA GLY A 458 -4.79 21.61 26.49
C GLY A 458 -3.81 21.72 25.33
N LEU A 459 -4.31 22.16 24.19
CA LEU A 459 -3.43 22.32 23.01
C LEU A 459 -2.79 23.71 22.92
N HIS A 460 -3.29 24.66 23.71
CA HIS A 460 -2.69 25.99 23.82
C HIS A 460 -2.59 26.65 22.46
N LEU A 461 -3.69 26.67 21.73
CA LEU A 461 -3.71 27.32 20.43
C LEU A 461 -3.73 28.83 20.63
N PRO A 462 -2.81 29.52 19.94
CA PRO A 462 -2.76 30.98 19.94
C PRO A 462 -4.01 31.54 19.28
N GLU A 463 -4.39 32.74 19.68
CA GLU A 463 -5.56 33.41 19.16
C GLU A 463 -5.49 33.59 17.65
N ASP A 464 -4.33 33.97 17.15
CA ASP A 464 -4.26 34.26 15.73
C ASP A 464 -4.47 32.99 14.90
N LEU A 465 -4.17 31.83 15.47
CA LEU A 465 -4.35 30.56 14.75
C LEU A 465 -5.81 30.18 14.74
N LEU A 466 -6.48 30.38 15.86
CA LEU A 466 -7.91 30.12 15.98
C LEU A 466 -8.72 30.98 15.01
N GLU A 467 -8.18 32.15 14.69
CA GLU A 467 -8.89 33.09 13.83
C GLU A 467 -8.79 32.71 12.36
N GLN A 468 -7.58 32.47 11.87
CA GLN A 468 -7.41 32.18 10.45
C GLN A 468 -7.84 30.74 10.13
N LEU A 469 -8.18 30.01 11.18
CA LEU A 469 -8.77 28.69 11.08
C LEU A 469 -10.28 28.78 10.84
N GLY A 470 -10.87 29.95 11.10
CA GLY A 470 -12.31 30.16 10.97
C GLY A 470 -13.18 29.24 11.83
#